data_2V7O
#
_entry.id   2V7O
#
_cell.length_a   84.703
_cell.length_b   117.226
_cell.length_c   75.968
_cell.angle_alpha   90.00
_cell.angle_beta   90.00
_cell.angle_gamma   90.00
#
_symmetry.space_group_name_H-M   'C 2 2 21'
#
loop_
_entity.id
_entity.type
_entity.pdbx_description
1 polymer 'CALCIUM/CALMODULIN-DEPENDENT PROTEIN KINASE TYPE II GAMMA CHAIN'
2 non-polymer 'BISINDOLYLMALEIMIDE IX'
3 non-polymer 1,2-ETHANEDIOL
4 water water
#
_entity_poly.entity_id   1
_entity_poly.type   'polypeptide(L)'
_entity_poly.pdbx_seq_one_letter_code
;MHHHHHHSSGVDLGTENLYFQ(SEP)MATCTRFTDDYQLFEELGKGAFSVVRRCVKKTPTQEYAAKIINTKKLSARDHQK
LEREARICRLLKHPNIVRLHDSISEEGFHYLVFDLVTGGELFEDIVAREYYSEADASHCIHQILESVNHIHQHDIVHRDL
KPENLLLASKCKGAAVKLADFGLAIEVQGEQQAWFGFAGTPGYLSPEVLRKDPYGKPVDIWACGVILYILLVGYPPFWDE
DQHKLYQQIKAGAYDFPSPEWDTVTPEAKNLINQMLTINPAKRITADQALKHPWVCQRSTVASMMHRQETVECLRKFNAR
RKLKGAILTTMLVSRNFSVG
;
_entity_poly.pdbx_strand_id   A
#
loop_
_chem_comp.id
_chem_comp.type
_chem_comp.name
_chem_comp.formula
DRN non-polymer 'BISINDOLYLMALEIMIDE IX' 'C25 H23 N5 O2 S'
EDO non-polymer 1,2-ETHANEDIOL 'C2 H6 O2'
#
# COMPACT_ATOMS: atom_id res chain seq x y z
N THR A 15 27.98 -0.75 -28.49
CA THR A 15 27.24 -1.82 -27.75
C THR A 15 27.04 -1.48 -26.25
N GLU A 16 27.43 -0.27 -25.84
CA GLU A 16 27.08 0.22 -24.50
C GLU A 16 25.60 0.59 -24.46
N ASN A 17 25.24 1.60 -25.26
CA ASN A 17 23.85 2.06 -25.39
C ASN A 17 22.95 1.03 -26.10
N LEU A 18 23.56 0.20 -26.95
CA LEU A 18 22.84 -0.89 -27.62
C LEU A 18 22.47 -2.00 -26.63
N TYR A 19 23.36 -2.32 -25.68
CA TYR A 19 23.04 -3.30 -24.64
C TYR A 19 22.14 -2.73 -23.53
N PHE A 20 22.47 -1.53 -23.03
CA PHE A 20 21.75 -0.94 -21.89
C PHE A 20 20.39 -0.39 -22.28
N GLN A 21 20.29 0.15 -23.51
CA GLN A 21 19.03 0.67 -24.05
C GLN A 21 18.46 1.80 -23.15
N SEP A 22 17.26 1.61 -22.61
CA SEP A 22 16.58 2.63 -21.80
CB SEP A 22 15.08 2.29 -21.68
OG SEP A 22 14.86 1.20 -20.79
C SEP A 22 17.20 2.82 -20.42
O SEP A 22 16.87 3.77 -19.71
P SEP A 22 14.34 -0.18 -21.49
O1P SEP A 22 12.77 -0.04 -21.84
O2P SEP A 22 15.18 -0.53 -22.83
O3P SEP A 22 14.55 -1.34 -20.40
N MET A 23 18.08 1.92 -20.01
CA MET A 23 18.85 2.06 -18.77
C MET A 23 20.14 2.85 -18.95
N ALA A 24 20.54 3.11 -20.20
CA ALA A 24 21.78 3.85 -20.43
C ALA A 24 21.60 5.28 -19.95
N THR A 25 22.70 5.87 -19.47
CA THR A 25 22.72 7.28 -19.10
C THR A 25 22.39 8.11 -20.34
N CYS A 26 21.59 9.15 -20.14
CA CYS A 26 20.96 9.87 -21.23
C CYS A 26 20.43 11.21 -20.70
N THR A 27 19.66 11.92 -21.52
CA THR A 27 19.01 13.16 -21.10
C THR A 27 17.52 13.07 -21.40
N ARG A 28 17.00 11.86 -21.43
CA ARG A 28 15.61 11.60 -21.79
C ARG A 28 14.62 12.41 -20.94
N PHE A 29 14.87 12.55 -19.64
CA PHE A 29 13.92 13.27 -18.78
C PHE A 29 13.97 14.75 -19.05
N THR A 30 15.17 15.29 -19.03
CA THR A 30 15.41 16.72 -19.22
C THR A 30 14.90 17.21 -20.57
N ASP A 31 15.00 16.35 -21.59
CA ASP A 31 14.57 16.71 -22.95
C ASP A 31 13.07 16.55 -23.16
N ASP A 32 12.50 15.45 -22.65
CA ASP A 32 11.13 15.06 -23.00
C ASP A 32 10.06 15.46 -21.99
N TYR A 33 10.49 15.93 -20.82
CA TYR A 33 9.56 16.31 -19.76
C TYR A 33 9.87 17.69 -19.25
N GLN A 34 8.83 18.38 -18.79
CA GLN A 34 8.98 19.58 -17.99
C GLN A 34 8.54 19.24 -16.55
N LEU A 35 9.29 19.76 -15.59
CA LEU A 35 9.06 19.53 -14.16
C LEU A 35 8.21 20.64 -13.59
N PHE A 36 7.20 20.26 -12.79
CA PHE A 36 6.31 21.21 -12.12
C PHE A 36 6.37 21.01 -10.60
N GLU A 37 5.27 21.17 -9.87
CA GLU A 37 5.36 21.30 -8.42
C GLU A 37 5.67 19.99 -7.67
N GLU A 38 6.16 20.15 -6.44
CA GLU A 38 6.37 19.04 -5.53
C GLU A 38 5.03 18.55 -4.98
N LEU A 39 4.86 17.22 -5.00
CA LEU A 39 3.68 16.57 -4.41
C LEU A 39 4.02 16.06 -3.00
N GLY A 40 5.23 15.52 -2.85
CA GLY A 40 5.75 14.96 -1.60
C GLY A 40 7.28 14.81 -1.63
N LYS A 41 7.82 14.21 -0.56
CA LYS A 41 9.25 14.29 -0.27
C LYS A 41 9.62 13.28 0.84
N GLY A 42 10.86 12.80 0.84
CA GLY A 42 11.30 11.82 1.85
C GLY A 42 12.70 11.27 1.67
N PHE A 44 16.23 11.44 0.83
CA PHE A 44 16.50 10.52 -0.26
C PHE A 44 15.95 11.02 -1.60
N SER A 45 14.67 11.42 -1.60
CA SER A 45 13.95 11.71 -2.84
C SER A 45 12.78 12.70 -2.72
N VAL A 46 12.35 13.20 -3.88
CA VAL A 46 11.17 14.04 -3.99
C VAL A 46 10.28 13.54 -5.13
N VAL A 47 8.97 13.61 -4.93
CA VAL A 47 8.01 13.34 -6.00
C VAL A 47 7.43 14.67 -6.49
N ARG A 48 7.59 14.93 -7.78
CA ARG A 48 7.10 16.16 -8.38
C ARG A 48 6.20 15.79 -9.55
N ARG A 49 5.16 16.59 -9.75
CA ARG A 49 4.35 16.47 -10.95
C ARG A 49 5.21 16.89 -12.16
N CYS A 50 4.97 16.24 -13.29
CA CYS A 50 5.70 16.55 -14.53
C CYS A 50 4.78 16.30 -15.72
N VAL A 51 5.08 16.94 -16.83
CA VAL A 51 4.29 16.82 -18.05
C VAL A 51 5.24 16.43 -19.17
N LYS A 52 4.99 15.28 -19.79
CA LYS A 52 5.72 14.86 -21.00
C LYS A 52 5.33 15.78 -22.15
N LYS A 53 6.32 16.29 -22.89
CA LYS A 53 6.06 17.25 -23.97
C LYS A 53 5.42 16.61 -25.21
N THR A 54 6.00 15.49 -25.65
CA THR A 54 5.93 15.05 -27.06
C THR A 54 4.55 14.55 -27.46
N PRO A 55 4.05 13.48 -26.81
CA PRO A 55 2.61 13.32 -26.60
C PRO A 55 2.25 13.81 -25.19
N THR A 56 1.48 14.90 -25.08
CA THR A 56 1.29 15.60 -23.79
C THR A 56 0.51 14.78 -22.75
N GLN A 57 1.17 14.47 -21.63
CA GLN A 57 0.47 13.90 -20.49
C GLN A 57 1.19 14.13 -19.16
N GLU A 58 0.39 14.17 -18.09
CA GLU A 58 0.85 14.33 -16.71
C GLU A 58 1.32 13.04 -16.05
N TYR A 59 2.47 13.12 -15.39
CA TYR A 59 3.02 12.02 -14.62
C TYR A 59 3.49 12.55 -13.28
N ALA A 60 4.00 11.64 -12.46
CA ALA A 60 4.60 11.94 -11.18
C ALA A 60 6.02 11.36 -11.23
N ALA A 61 7.03 12.23 -11.24
CA ALA A 61 8.42 11.80 -11.20
C ALA A 61 8.92 11.74 -9.77
N LYS A 62 9.34 10.56 -9.31
CA LYS A 62 10.18 10.45 -8.13
C LYS A 62 11.62 10.74 -8.58
N ILE A 63 12.26 11.69 -7.91
CA ILE A 63 13.59 12.15 -8.26
C ILE A 63 14.57 11.81 -7.17
N ILE A 64 15.61 11.07 -7.55
CA ILE A 64 16.60 10.53 -6.63
C ILE A 64 17.97 11.08 -7.00
N ASN A 65 18.58 11.80 -6.05
CA ASN A 65 19.95 12.29 -6.19
C ASN A 65 20.92 11.13 -6.03
N THR A 66 21.66 10.82 -7.11
CA THR A 66 22.52 9.63 -7.17
C THR A 66 24.03 9.92 -6.96
N LYS A 67 24.39 11.20 -6.80
CA LYS A 67 25.78 11.59 -6.58
C LYS A 67 26.27 11.06 -5.23
N LYS A 68 25.39 11.11 -4.25
CA LYS A 68 25.71 10.73 -2.87
C LYS A 68 25.86 9.21 -2.67
N LEU A 69 25.15 8.41 -3.47
CA LEU A 69 24.73 7.07 -3.06
C LEU A 69 25.86 6.06 -2.81
N SER A 70 25.70 5.30 -1.74
CA SER A 70 26.54 4.13 -1.45
C SER A 70 26.21 2.96 -2.39
N ALA A 71 27.03 1.91 -2.35
CA ALA A 71 26.76 0.70 -3.12
C ALA A 71 25.41 0.09 -2.73
N ARG A 72 25.13 0.06 -1.42
CA ARG A 72 23.88 -0.48 -0.90
C ARG A 72 22.64 0.32 -1.35
N ASP A 73 22.77 1.64 -1.44
CA ASP A 73 21.63 2.48 -1.86
C ASP A 73 21.34 2.35 -3.35
N HIS A 74 22.39 2.16 -4.15
CA HIS A 74 22.24 1.86 -5.58
C HIS A 74 21.44 0.57 -5.78
N GLN A 75 21.80 -0.46 -5.02
CA GLN A 75 21.10 -1.75 -5.05
C GLN A 75 19.62 -1.60 -4.65
N LYS A 76 19.36 -0.82 -3.59
CA LYS A 76 17.98 -0.50 -3.18
C LYS A 76 17.23 0.29 -4.26
N LEU A 77 17.90 1.23 -4.93
CA LEU A 77 17.24 2.00 -6.00
C LEU A 77 16.93 1.13 -7.22
N GLU A 78 17.93 0.37 -7.65
CA GLU A 78 17.77 -0.61 -8.74
C GLU A 78 16.67 -1.61 -8.44
N ARG A 79 16.58 -2.04 -7.18
CA ARG A 79 15.53 -2.96 -6.76
C ARG A 79 14.14 -2.39 -6.92
N GLU A 80 13.96 -1.14 -6.46
CA GLU A 80 12.68 -0.46 -6.55
C GLU A 80 12.29 -0.29 -8.02
N ALA A 81 13.22 0.21 -8.82
CA ALA A 81 13.01 0.35 -10.25
C ALA A 81 12.59 -0.97 -10.91
N ARG A 82 13.31 -2.04 -10.63
CA ARG A 82 12.99 -3.37 -11.17
C ARG A 82 11.61 -3.85 -10.75
N ILE A 83 11.32 -3.76 -9.45
CA ILE A 83 10.01 -4.14 -8.91
C ILE A 83 8.89 -3.35 -9.57
N CYS A 84 9.08 -2.05 -9.76
CA CYS A 84 8.02 -1.22 -10.37
C CYS A 84 7.81 -1.54 -11.85
N ARG A 85 8.91 -1.85 -12.54
CA ARG A 85 8.86 -2.24 -13.93
C ARG A 85 8.04 -3.52 -14.07
N LEU A 86 8.25 -4.45 -13.14
CA LEU A 86 7.61 -5.77 -13.21
C LEU A 86 6.08 -5.75 -13.00
N LEU A 87 5.56 -4.75 -12.28
CA LEU A 87 4.18 -4.77 -11.80
C LEU A 87 3.22 -3.95 -12.64
N LYS A 88 2.46 -4.64 -13.49
CA LYS A 88 1.45 -4.03 -14.36
C LYS A 88 0.06 -4.62 -13.99
N HIS A 89 -0.66 -3.88 -13.15
CA HIS A 89 -1.97 -4.30 -12.65
C HIS A 89 -2.84 -3.04 -12.49
N PRO A 90 -4.16 -3.13 -12.79
CA PRO A 90 -5.02 -1.93 -12.65
C PRO A 90 -5.13 -1.32 -11.24
N ASN A 91 -4.74 -2.08 -10.23
CA ASN A 91 -4.76 -1.63 -8.84
C ASN A 91 -3.34 -1.43 -8.28
N ILE A 92 -2.39 -1.20 -9.17
CA ILE A 92 -1.04 -0.80 -8.79
C ILE A 92 -0.66 0.38 -9.68
N VAL A 93 -0.02 1.40 -9.08
CA VAL A 93 0.39 2.57 -9.85
C VAL A 93 1.51 2.16 -10.80
N ARG A 94 1.30 2.37 -12.09
CA ARG A 94 2.24 1.92 -13.11
C ARG A 94 3.47 2.84 -13.24
N LEU A 95 4.63 2.23 -13.39
CA LEU A 95 5.84 2.94 -13.74
C LEU A 95 5.80 3.11 -15.24
N HIS A 96 5.93 4.34 -15.71
CA HIS A 96 5.96 4.58 -17.16
C HIS A 96 7.38 4.65 -17.74
N ASP A 97 8.36 4.99 -16.91
CA ASP A 97 9.75 5.02 -17.37
C ASP A 97 10.69 5.07 -16.18
N SER A 98 11.89 4.59 -16.39
CA SER A 98 13.00 4.69 -15.44
C SER A 98 14.16 5.31 -16.21
N ILE A 99 14.50 6.56 -15.87
CA ILE A 99 15.51 7.31 -16.60
C ILE A 99 16.77 7.56 -15.76
N SER A 100 17.92 7.20 -16.32
CA SER A 100 19.18 7.48 -15.67
C SER A 100 19.82 8.69 -16.32
N GLU A 101 20.13 9.71 -15.51
CA GLU A 101 20.83 10.92 -15.98
C GLU A 101 22.04 11.10 -15.06
N GLU A 102 22.87 12.11 -15.34
CA GLU A 102 24.20 12.16 -14.70
C GLU A 102 24.13 12.12 -13.17
N GLY A 103 23.52 13.12 -12.56
CA GLY A 103 23.44 13.18 -11.09
C GLY A 103 22.14 12.69 -10.47
N PHE A 104 21.16 12.36 -11.30
CA PHE A 104 19.80 12.06 -10.83
C PHE A 104 19.19 10.87 -11.54
N HIS A 105 18.32 10.16 -10.83
CA HIS A 105 17.49 9.12 -11.41
C HIS A 105 16.02 9.52 -11.29
N TYR A 106 15.23 9.16 -12.30
CA TYR A 106 13.82 9.52 -12.36
C TYR A 106 12.99 8.27 -12.58
N LEU A 107 12.11 7.98 -11.63
CA LEU A 107 11.05 6.99 -11.80
C LEU A 107 9.79 7.77 -12.13
N VAL A 108 9.31 7.61 -13.37
CA VAL A 108 8.14 8.33 -13.86
C VAL A 108 6.95 7.39 -13.75
N PHE A 109 6.00 7.77 -12.91
CA PHE A 109 4.79 6.99 -12.65
C PHE A 109 3.59 7.69 -13.25
N ASP A 110 2.51 6.93 -13.43
CA ASP A 110 1.19 7.51 -13.59
C ASP A 110 0.90 8.52 -12.47
N LEU A 111 0.27 9.64 -12.79
CA LEU A 111 -0.18 10.60 -11.79
C LEU A 111 -1.54 10.15 -11.27
N VAL A 112 -1.67 9.98 -9.96
CA VAL A 112 -2.91 9.56 -9.35
C VAL A 112 -3.46 10.76 -8.61
N THR A 113 -4.66 11.21 -9.02
CA THR A 113 -5.23 12.50 -8.58
C THR A 113 -6.46 12.40 -7.65
N GLY A 114 -6.84 11.20 -7.21
CA GLY A 114 -8.03 11.02 -6.38
C GLY A 114 -7.76 11.09 -4.89
N GLY A 115 -6.50 11.25 -4.51
CA GLY A 115 -6.15 11.28 -3.10
C GLY A 115 -6.27 9.92 -2.42
N GLU A 116 -6.02 9.93 -1.12
CA GLU A 116 -6.11 8.74 -0.27
C GLU A 116 -7.50 8.15 -0.28
N LEU A 117 -7.56 6.82 -0.22
CA LEU A 117 -8.83 6.11 -0.08
C LEU A 117 -9.62 6.56 1.14
N PHE A 118 -8.93 6.63 2.27
CA PHE A 118 -9.56 6.93 3.55
C PHE A 118 -10.18 8.32 3.63
N GLU A 119 -9.59 9.28 2.90
CA GLU A 119 -10.13 10.63 2.78
C GLU A 119 -11.39 10.67 1.93
N ASP A 120 -11.43 9.88 0.88
CA ASP A 120 -12.59 9.84 -0.01
C ASP A 120 -13.79 9.22 0.67
N ILE A 121 -13.54 8.23 1.53
CA ILE A 121 -14.60 7.53 2.25
C ILE A 121 -15.39 8.47 3.17
N VAL A 122 -14.69 9.35 3.89
CA VAL A 122 -15.36 10.22 4.85
C VAL A 122 -16.22 11.28 4.16
N ALA A 123 -15.99 11.48 2.86
CA ALA A 123 -16.71 12.45 2.04
C ALA A 123 -17.96 11.87 1.35
N ARG A 124 -18.26 10.59 1.58
CA ARG A 124 -19.41 9.93 0.93
C ARG A 124 -20.73 10.18 1.69
N GLU A 125 -21.85 10.06 0.98
CA GLU A 125 -23.18 10.13 1.61
C GLU A 125 -23.55 8.80 2.27
N TYR A 126 -23.22 7.69 1.61
CA TYR A 126 -23.44 6.34 2.14
C TYR A 126 -22.12 5.55 2.21
N TYR A 127 -22.01 4.71 3.23
CA TYR A 127 -20.84 3.88 3.41
C TYR A 127 -21.18 2.66 4.28
N SER A 128 -21.15 1.48 3.67
CA SER A 128 -21.48 0.22 4.35
C SER A 128 -20.32 -0.77 4.29
N GLU A 129 -20.53 -1.94 4.89
CA GLU A 129 -19.65 -3.09 4.70
C GLU A 129 -19.42 -3.39 3.23
N ALA A 130 -20.47 -3.27 2.42
CA ALA A 130 -20.37 -3.60 0.99
C ALA A 130 -19.33 -2.70 0.28
N ASP A 131 -19.20 -1.46 0.76
CA ASP A 131 -18.19 -0.52 0.27
C ASP A 131 -16.80 -0.86 0.82
N ALA A 132 -16.72 -1.21 2.10
CA ALA A 132 -15.48 -1.76 2.67
C ALA A 132 -14.99 -2.96 1.87
N SER A 133 -15.89 -3.90 1.58
CA SER A 133 -15.52 -5.12 0.88
C SER A 133 -15.02 -4.86 -0.54
N HIS A 134 -15.67 -3.91 -1.19
CA HIS A 134 -15.27 -3.42 -2.51
C HIS A 134 -13.86 -2.84 -2.51
N CYS A 135 -13.51 -2.04 -1.48
CA CYS A 135 -12.14 -1.53 -1.33
C CYS A 135 -11.14 -2.65 -1.11
N ILE A 136 -11.38 -3.44 -0.06
CA ILE A 136 -10.53 -4.59 0.25
C ILE A 136 -10.48 -5.59 -0.92
N HIS A 137 -11.52 -5.73 -1.72
CA HIS A 137 -11.38 -6.56 -2.92
C HIS A 137 -10.24 -6.04 -3.83
N GLN A 138 -10.26 -4.74 -4.11
CA GLN A 138 -9.22 -4.11 -4.93
C GLN A 138 -7.84 -4.18 -4.30
N ILE A 139 -7.76 -3.91 -3.00
CA ILE A 139 -6.49 -3.99 -2.28
C ILE A 139 -5.89 -5.42 -2.29
N LEU A 140 -6.73 -6.43 -2.10
CA LEU A 140 -6.26 -7.83 -2.10
C LEU A 140 -5.87 -8.29 -3.50
N GLU A 141 -6.53 -7.76 -4.53
CA GLU A 141 -6.14 -8.06 -5.89
C GLU A 141 -4.71 -7.58 -6.18
N SER A 142 -4.35 -6.40 -5.66
CA SER A 142 -3.01 -5.86 -5.85
C SER A 142 -1.98 -6.66 -5.05
N VAL A 143 -2.30 -6.97 -3.81
CA VAL A 143 -1.41 -7.78 -2.97
C VAL A 143 -1.25 -9.17 -3.55
N ASN A 144 -2.34 -9.78 -4.00
CA ASN A 144 -2.25 -11.10 -4.60
C ASN A 144 -1.36 -11.05 -5.85
N HIS A 145 -1.48 -9.98 -6.65
CA HIS A 145 -0.71 -9.84 -7.88
C HIS A 145 0.80 -9.79 -7.57
N ILE A 146 1.19 -9.00 -6.57
CA ILE A 146 2.58 -8.84 -6.25
C ILE A 146 3.15 -10.13 -5.63
N HIS A 147 2.36 -10.80 -4.80
CA HIS A 147 2.79 -12.07 -4.19
C HIS A 147 3.05 -13.15 -5.23
N GLN A 148 2.19 -13.21 -6.24
CA GLN A 148 2.38 -14.09 -7.38
C GLN A 148 3.69 -13.80 -8.11
N HIS A 149 4.08 -12.53 -8.16
CA HIS A 149 5.38 -12.13 -8.70
C HIS A 149 6.52 -12.14 -7.68
N ASP A 150 6.32 -12.81 -6.55
CA ASP A 150 7.34 -12.94 -5.50
C ASP A 150 7.88 -11.60 -5.02
N ILE A 151 6.97 -10.67 -4.83
CA ILE A 151 7.28 -9.36 -4.29
C ILE A 151 6.46 -9.19 -3.02
N VAL A 152 7.09 -8.66 -1.97
CA VAL A 152 6.42 -8.32 -0.72
C VAL A 152 6.55 -6.81 -0.51
N HIS A 153 5.41 -6.13 -0.35
CA HIS A 153 5.40 -4.67 -0.22
C HIS A 153 6.03 -4.20 1.08
N ARG A 154 5.68 -4.86 2.17
CA ARG A 154 6.16 -4.55 3.54
C ARG A 154 5.67 -3.24 4.23
N ASP A 155 4.87 -2.42 3.56
CA ASP A 155 4.48 -1.14 4.14
C ASP A 155 3.09 -0.72 3.67
N LEU A 156 2.17 -1.67 3.64
CA LEU A 156 0.77 -1.40 3.34
C LEU A 156 0.19 -0.54 4.47
N LYS A 157 -0.47 0.54 4.10
CA LYS A 157 -1.06 1.48 5.04
C LYS A 157 -1.90 2.46 4.25
N PRO A 158 -2.78 3.22 4.92
CA PRO A 158 -3.61 4.26 4.30
C PRO A 158 -2.88 5.20 3.32
N GLU A 159 -1.80 5.80 3.76
CA GLU A 159 -1.00 6.70 2.92
C GLU A 159 -0.65 6.14 1.54
N ASN A 160 -0.64 4.80 1.40
CA ASN A 160 -0.18 4.13 0.16
C ASN A 160 -1.32 3.52 -0.65
N LEU A 161 -2.54 3.83 -0.24
CA LEU A 161 -3.74 3.37 -0.89
C LEU A 161 -4.44 4.62 -1.40
N LEU A 162 -4.30 4.83 -2.71
CA LEU A 162 -4.69 6.06 -3.34
C LEU A 162 -5.77 5.76 -4.35
N LEU A 163 -6.59 6.76 -4.67
CA LEU A 163 -7.57 6.63 -5.73
C LEU A 163 -6.99 7.21 -7.01
N ALA A 164 -7.19 6.51 -8.13
CA ALA A 164 -6.63 6.86 -9.42
C ALA A 164 -6.96 8.30 -9.84
N SER A 165 -8.24 8.63 -9.74
CA SER A 165 -8.77 9.96 -10.11
C SER A 165 -9.92 10.31 -9.19
N LYS A 166 -10.45 11.51 -9.30
CA LYS A 166 -11.67 11.88 -8.57
C LYS A 166 -12.94 11.40 -9.28
N CYS A 167 -12.78 10.79 -10.46
CA CYS A 167 -13.91 10.33 -11.28
C CYS A 167 -14.65 9.16 -10.66
N LYS A 168 -15.94 9.05 -11.00
CA LYS A 168 -16.77 7.93 -10.60
C LYS A 168 -16.09 6.64 -11.07
N GLY A 169 -16.04 5.68 -10.15
CA GLY A 169 -15.47 4.35 -10.42
C GLY A 169 -13.94 4.29 -10.48
N ALA A 170 -13.27 5.27 -9.88
CA ALA A 170 -11.80 5.27 -9.87
C ALA A 170 -11.31 4.09 -9.03
N ALA A 171 -10.28 3.40 -9.54
CA ALA A 171 -9.71 2.25 -8.87
C ALA A 171 -8.87 2.69 -7.67
N VAL A 172 -8.84 1.85 -6.63
CA VAL A 172 -7.82 1.97 -5.58
C VAL A 172 -6.50 1.48 -6.14
N LYS A 173 -5.42 2.21 -5.87
CA LYS A 173 -4.09 1.86 -6.39
C LYS A 173 -3.04 1.82 -5.28
N LEU A 174 -2.28 0.73 -5.26
CA LEU A 174 -1.14 0.58 -4.37
C LEU A 174 0.04 1.39 -4.88
N ALA A 175 0.67 2.12 -3.96
CA ALA A 175 1.76 3.04 -4.27
C ALA A 175 2.93 2.79 -3.35
N ASP A 176 4.08 3.33 -3.73
CA ASP A 176 5.27 3.35 -2.90
C ASP A 176 5.84 1.96 -2.60
N PHE A 177 6.61 1.48 -3.58
CA PHE A 177 7.37 0.24 -3.44
C PHE A 177 8.83 0.48 -2.99
N GLY A 178 9.04 1.57 -2.29
CA GLY A 178 10.35 1.93 -1.77
C GLY A 178 10.91 0.95 -0.77
N LEU A 179 10.02 0.19 -0.12
CA LEU A 179 10.44 -0.79 0.87
C LEU A 179 10.22 -2.23 0.38
N ALA A 180 9.74 -2.39 -0.85
CA ALA A 180 9.41 -3.72 -1.36
C ALA A 180 10.65 -4.60 -1.45
N ILE A 181 10.46 -5.90 -1.26
CA ILE A 181 11.51 -6.89 -1.36
C ILE A 181 11.12 -7.95 -2.37
N GLU A 182 12.15 -8.56 -2.97
CA GLU A 182 11.96 -9.77 -3.79
C GLU A 182 12.28 -11.01 -2.96
N VAL A 183 11.32 -11.94 -2.93
CA VAL A 183 11.44 -13.21 -2.20
C VAL A 183 11.62 -14.40 -3.16
N GLN A 184 12.13 -15.52 -2.63
CA GLN A 184 12.35 -16.73 -3.42
C GLN A 184 11.16 -17.66 -3.26
N GLY A 185 10.21 -17.57 -4.19
CA GLY A 185 8.97 -18.32 -4.03
C GLY A 185 8.36 -18.10 -2.65
N GLU A 186 8.26 -19.17 -1.87
CA GLU A 186 7.56 -19.15 -0.59
C GLU A 186 8.51 -19.27 0.58
N GLN A 187 9.81 -19.09 0.32
CA GLN A 187 10.84 -19.13 1.35
C GLN A 187 10.79 -17.88 2.22
N GLN A 188 10.95 -18.06 3.53
CA GLN A 188 10.96 -16.94 4.48
C GLN A 188 12.40 -16.63 4.81
N ALA A 189 12.71 -15.36 5.05
CA ALA A 189 14.02 -14.97 5.56
C ALA A 189 13.90 -13.71 6.41
N TRP A 190 14.94 -13.38 7.15
CA TRP A 190 14.97 -12.09 7.84
C TRP A 190 15.42 -11.05 6.84
N PHE A 191 14.46 -10.24 6.39
CA PHE A 191 14.75 -9.20 5.42
C PHE A 191 14.95 -7.85 6.11
N GLY A 192 14.92 -7.83 7.44
CA GLY A 192 15.21 -6.61 8.19
C GLY A 192 13.96 -5.98 8.78
N PHE A 193 14.17 -5.01 9.67
CA PHE A 193 13.08 -4.34 10.34
C PHE A 193 12.63 -3.11 9.58
N ALA A 194 11.59 -3.26 8.78
CA ALA A 194 11.01 -2.16 8.02
C ALA A 194 9.49 -2.17 8.20
N GLY A 195 8.84 -1.07 7.84
CA GLY A 195 7.38 -0.96 7.93
C GLY A 195 6.94 0.20 8.80
N THR A 196 5.66 0.23 9.16
CA THR A 196 5.09 1.32 9.94
C THR A 196 4.50 0.77 11.23
N PRO A 197 4.85 1.37 12.38
CA PRO A 197 4.44 0.83 13.67
C PRO A 197 3.08 0.12 13.72
N GLY A 198 1.99 0.82 13.42
CA GLY A 198 0.63 0.33 13.67
C GLY A 198 0.24 -0.86 12.82
N TYR A 199 0.97 -1.06 11.72
CA TYR A 199 0.70 -2.11 10.74
C TYR A 199 1.71 -3.25 10.76
N LEU A 200 2.70 -3.16 11.66
CA LEU A 200 3.76 -4.18 11.70
C LEU A 200 3.24 -5.53 12.18
N SER A 201 3.79 -6.59 11.58
CA SER A 201 3.35 -7.95 11.85
C SER A 201 4.06 -8.48 13.06
N PRO A 202 3.43 -9.43 13.79
CA PRO A 202 4.09 -10.09 14.92
C PRO A 202 5.46 -10.68 14.53
N GLU A 203 5.53 -11.36 13.39
CA GLU A 203 6.79 -12.02 13.00
C GLU A 203 7.94 -11.04 12.77
N VAL A 204 7.68 -9.88 12.17
CA VAL A 204 8.70 -8.82 12.04
C VAL A 204 9.10 -8.27 13.43
N LEU A 205 8.13 -8.12 14.34
CA LEU A 205 8.45 -7.63 15.69
C LEU A 205 9.21 -8.67 16.50
N ARG A 206 8.89 -9.94 16.27
CA ARG A 206 9.59 -11.06 16.88
C ARG A 206 11.02 -11.22 16.29
N LYS A 207 11.27 -10.59 15.16
CA LYS A 207 12.52 -10.73 14.42
C LYS A 207 12.69 -12.14 13.87
N ASP A 208 11.56 -12.76 13.51
CA ASP A 208 11.55 -14.09 12.93
C ASP A 208 11.62 -13.94 11.44
N PRO A 209 12.00 -15.02 10.73
CA PRO A 209 11.94 -14.96 9.29
C PRO A 209 10.55 -14.60 8.81
N TYR A 210 10.46 -13.96 7.65
CA TYR A 210 9.16 -13.57 7.15
C TYR A 210 9.09 -13.49 5.63
N GLY A 211 7.91 -13.18 5.13
CA GLY A 211 7.71 -13.04 3.72
C GLY A 211 6.34 -12.50 3.44
N LYS A 212 5.64 -13.10 2.49
CA LYS A 212 4.36 -12.62 1.98
C LYS A 212 3.25 -12.37 3.03
N PRO A 213 3.11 -13.26 4.03
CA PRO A 213 2.08 -13.03 5.06
C PRO A 213 2.09 -11.64 5.74
N VAL A 214 3.22 -10.96 5.78
CA VAL A 214 3.27 -9.68 6.51
C VAL A 214 2.31 -8.65 5.90
N ASP A 215 2.11 -8.73 4.59
CA ASP A 215 1.20 -7.82 3.87
C ASP A 215 -0.26 -8.10 4.17
N ILE A 216 -0.59 -9.35 4.52
CA ILE A 216 -1.96 -9.74 4.84
C ILE A 216 -2.31 -9.28 6.25
N TRP A 217 -1.36 -9.40 7.17
CA TRP A 217 -1.53 -8.77 8.46
C TRP A 217 -1.93 -7.31 8.30
N ALA A 218 -1.21 -6.56 7.46
CA ALA A 218 -1.46 -5.13 7.27
C ALA A 218 -2.84 -4.91 6.71
N CYS A 219 -3.27 -5.78 5.81
CA CYS A 219 -4.63 -5.71 5.23
C CYS A 219 -5.74 -5.95 6.26
N GLY A 220 -5.48 -6.79 7.25
CA GLY A 220 -6.43 -7.00 8.35
C GLY A 220 -6.59 -5.77 9.22
N VAL A 221 -5.49 -5.10 9.52
CA VAL A 221 -5.52 -3.84 10.24
C VAL A 221 -6.30 -2.76 9.45
N ILE A 222 -6.04 -2.70 8.14
CA ILE A 222 -6.71 -1.74 7.27
C ILE A 222 -8.18 -2.10 7.22
N LEU A 223 -8.46 -3.39 7.07
CA LEU A 223 -9.84 -3.87 7.00
C LEU A 223 -10.60 -3.54 8.29
N TYR A 224 -9.95 -3.73 9.44
CA TYR A 224 -10.53 -3.33 10.72
C TYR A 224 -10.89 -1.85 10.73
N ILE A 225 -9.98 -1.00 10.26
CA ILE A 225 -10.21 0.44 10.23
C ILE A 225 -11.35 0.82 9.24
N LEU A 226 -11.43 0.16 8.08
CA LEU A 226 -12.49 0.43 7.11
C LEU A 226 -13.87 0.12 7.66
N LEU A 227 -13.94 -0.83 8.59
CA LEU A 227 -15.21 -1.20 9.22
C LEU A 227 -15.63 -0.26 10.34
N VAL A 228 -14.71 0.13 11.22
CA VAL A 228 -15.08 0.90 12.42
C VAL A 228 -14.41 2.28 12.58
N GLY A 229 -13.35 2.54 11.81
CA GLY A 229 -12.79 3.87 11.76
C GLY A 229 -11.73 4.16 12.80
N TYR A 230 -11.28 3.12 13.49
CA TYR A 230 -10.18 3.25 14.48
C TYR A 230 -9.40 1.96 14.41
N PRO A 231 -8.08 2.00 14.71
CA PRO A 231 -7.20 0.85 14.61
C PRO A 231 -7.36 -0.21 15.70
N PRO A 232 -7.15 -1.48 15.37
CA PRO A 232 -7.25 -2.55 16.37
C PRO A 232 -6.16 -2.55 17.41
N PHE A 233 -5.00 -2.00 17.06
CA PHE A 233 -3.85 -1.94 17.95
C PHE A 233 -3.38 -0.51 18.04
N TRP A 234 -3.38 0.02 19.26
CA TRP A 234 -2.71 1.26 19.54
C TRP A 234 -2.34 1.39 21.01
N ASP A 235 -1.12 1.86 21.24
CA ASP A 235 -0.72 2.42 22.50
C ASP A 235 0.20 3.62 22.21
N GLU A 236 0.13 4.62 23.08
CA GLU A 236 1.03 5.77 23.00
C GLU A 236 2.48 5.35 23.27
N ASP A 237 2.63 4.34 24.12
CA ASP A 237 3.91 3.68 24.38
C ASP A 237 4.14 2.62 23.30
N GLN A 238 5.13 2.85 22.44
CA GLN A 238 5.37 1.98 21.28
C GLN A 238 5.81 0.56 21.66
N HIS A 239 6.48 0.42 22.80
CA HIS A 239 6.83 -0.87 23.35
C HIS A 239 5.55 -1.62 23.66
N LYS A 240 4.59 -0.93 24.29
CA LYS A 240 3.26 -1.51 24.60
C LYS A 240 2.42 -1.78 23.34
N LEU A 241 2.51 -0.90 22.34
CA LEU A 241 1.86 -1.14 21.05
C LEU A 241 2.33 -2.49 20.48
N TYR A 242 3.65 -2.67 20.44
CA TYR A 242 4.27 -3.87 19.88
C TYR A 242 3.93 -5.15 20.63
N GLN A 243 3.83 -5.05 21.96
CA GLN A 243 3.34 -6.16 22.77
C GLN A 243 1.91 -6.56 22.40
N GLN A 244 1.02 -5.58 22.17
CA GLN A 244 -0.35 -5.86 21.76
C GLN A 244 -0.39 -6.60 20.43
N ILE A 245 0.44 -6.15 19.49
CA ILE A 245 0.47 -6.72 18.15
C ILE A 245 0.95 -8.16 18.20
N LYS A 246 2.00 -8.42 19.00
CA LYS A 246 2.56 -9.77 19.13
C LYS A 246 1.58 -10.71 19.79
N ALA A 247 0.73 -10.17 20.66
CA ALA A 247 -0.28 -10.94 21.38
C ALA A 247 -1.60 -11.02 20.63
N GLY A 248 -1.70 -10.35 19.47
CA GLY A 248 -2.96 -10.21 18.77
C GLY A 248 -4.05 -9.72 19.70
N ALA A 249 -3.70 -8.76 20.54
CA ALA A 249 -4.63 -8.21 21.51
C ALA A 249 -5.57 -7.18 20.89
N TYR A 250 -6.45 -7.64 20.00
CA TYR A 250 -7.56 -6.81 19.47
C TYR A 250 -8.91 -7.38 19.90
N ASP A 251 -9.95 -6.57 19.84
CA ASP A 251 -11.30 -7.08 20.01
C ASP A 251 -12.34 -6.33 19.19
N PHE A 252 -13.60 -6.71 19.39
CA PHE A 252 -14.72 -6.19 18.64
C PHE A 252 -15.71 -5.59 19.62
N PRO A 253 -15.38 -4.40 20.16
CA PRO A 253 -16.25 -3.81 21.16
C PRO A 253 -17.64 -3.46 20.64
N SER A 254 -18.60 -3.62 21.55
CA SER A 254 -19.94 -3.16 21.35
C SER A 254 -20.02 -1.72 21.79
N PRO A 255 -20.96 -0.95 21.22
CA PRO A 255 -21.98 -1.37 20.26
C PRO A 255 -21.59 -1.36 18.78
N GLU A 256 -20.48 -0.73 18.41
CA GLU A 256 -20.18 -0.55 16.99
C GLU A 256 -20.02 -1.89 16.25
N TRP A 257 -19.47 -2.90 16.92
CA TRP A 257 -19.26 -4.21 16.27
C TRP A 257 -20.46 -5.12 16.27
N ASP A 258 -21.52 -4.76 17.00
CA ASP A 258 -22.71 -5.61 17.08
C ASP A 258 -23.42 -5.73 15.74
N THR A 259 -23.33 -4.69 14.92
CA THR A 259 -24.02 -4.64 13.62
C THR A 259 -23.13 -5.08 12.46
N VAL A 260 -21.88 -5.45 12.75
CA VAL A 260 -20.97 -5.99 11.75
C VAL A 260 -21.27 -7.48 11.58
N THR A 261 -21.38 -7.91 10.32
CA THR A 261 -21.72 -9.28 10.00
C THR A 261 -20.65 -10.22 10.54
N PRO A 262 -21.06 -11.45 10.91
CA PRO A 262 -20.09 -12.41 11.38
C PRO A 262 -19.09 -12.79 10.30
N GLU A 263 -19.46 -12.63 9.03
CA GLU A 263 -18.55 -12.90 7.93
C GLU A 263 -17.35 -11.92 7.89
N ALA A 264 -17.60 -10.63 8.11
CA ALA A 264 -16.53 -9.63 8.16
C ALA A 264 -15.58 -9.88 9.33
N LYS A 265 -16.15 -10.20 10.48
CA LYS A 265 -15.39 -10.58 11.63
C LYS A 265 -14.51 -11.80 11.38
N ASN A 266 -15.06 -12.82 10.75
CA ASN A 266 -14.32 -13.99 10.35
C ASN A 266 -13.09 -13.67 9.49
N LEU A 267 -13.27 -12.87 8.45
CA LEU A 267 -12.15 -12.47 7.60
C LEU A 267 -11.09 -11.71 8.41
N ILE A 268 -11.50 -10.81 9.31
CA ILE A 268 -10.53 -10.07 10.10
C ILE A 268 -9.72 -11.04 10.94
N ASN A 269 -10.40 -11.94 11.64
CA ASN A 269 -9.70 -12.94 12.46
C ASN A 269 -8.66 -13.75 11.66
N GLN A 270 -8.99 -14.09 10.42
CA GLN A 270 -8.07 -14.87 9.58
C GLN A 270 -6.84 -14.12 9.11
N MET A 271 -7.03 -12.83 8.84
CA MET A 271 -5.94 -11.93 8.49
C MET A 271 -5.08 -11.58 9.73
N LEU A 272 -5.73 -11.29 10.85
CA LEU A 272 -5.01 -10.95 12.09
C LEU A 272 -4.64 -12.18 12.94
N THR A 273 -4.08 -13.19 12.28
CA THR A 273 -3.59 -14.42 12.89
C THR A 273 -2.10 -14.31 13.19
N ILE A 274 -1.70 -14.52 14.43
CA ILE A 274 -0.33 -14.27 14.89
C ILE A 274 0.71 -15.09 14.12
N ASN A 275 0.44 -16.39 13.93
CA ASN A 275 1.34 -17.26 13.21
C ASN A 275 1.15 -17.10 11.69
N PRO A 276 2.18 -16.60 10.97
CA PRO A 276 2.05 -16.33 9.55
C PRO A 276 1.78 -17.55 8.68
N ALA A 277 2.25 -18.71 9.09
CA ALA A 277 1.96 -19.95 8.41
C ALA A 277 0.47 -20.32 8.48
N LYS A 278 -0.24 -19.82 9.48
CA LYS A 278 -1.68 -20.12 9.64
C LYS A 278 -2.60 -19.00 9.14
N ARG A 279 -2.00 -17.86 8.83
CA ARG A 279 -2.72 -16.69 8.41
C ARG A 279 -3.27 -16.90 7.02
N ILE A 280 -4.44 -16.34 6.75
CA ILE A 280 -5.02 -16.45 5.40
C ILE A 280 -4.08 -15.88 4.30
N THR A 281 -4.10 -16.50 3.11
CA THR A 281 -3.38 -15.94 1.97
C THR A 281 -4.26 -14.86 1.29
N ALA A 282 -3.65 -14.05 0.42
CA ALA A 282 -4.39 -13.08 -0.40
C ALA A 282 -5.35 -13.78 -1.31
N ASP A 283 -4.89 -14.89 -1.89
CA ASP A 283 -5.69 -15.66 -2.82
C ASP A 283 -6.91 -16.28 -2.15
N GLN A 284 -6.74 -16.79 -0.94
CA GLN A 284 -7.86 -17.32 -0.18
C GLN A 284 -8.79 -16.20 0.34
N ALA A 285 -8.22 -15.07 0.76
CA ALA A 285 -9.03 -13.92 1.17
C ALA A 285 -9.93 -13.45 0.02
N LEU A 286 -9.41 -13.51 -1.21
CA LEU A 286 -10.18 -13.15 -2.42
C LEU A 286 -11.32 -14.13 -2.77
N LYS A 287 -11.22 -15.35 -2.22
CA LYS A 287 -12.24 -16.38 -2.32
C LYS A 287 -13.15 -16.46 -1.10
N HIS A 288 -12.94 -15.57 -0.13
CA HIS A 288 -13.79 -15.51 1.05
C HIS A 288 -15.13 -14.94 0.62
N PRO A 289 -16.26 -15.51 1.10
CA PRO A 289 -17.60 -15.02 0.72
C PRO A 289 -17.92 -13.53 0.93
N TRP A 290 -17.40 -12.93 1.99
CA TRP A 290 -17.62 -11.51 2.24
C TRP A 290 -17.02 -10.60 1.16
N VAL A 291 -15.97 -11.08 0.51
CA VAL A 291 -15.24 -10.39 -0.56
C VAL A 291 -15.80 -10.83 -1.92
N CYS A 292 -15.88 -12.14 -2.07
CA CYS A 292 -16.25 -12.84 -3.27
C CYS A 292 -17.74 -12.77 -3.60
N GLN A 293 -18.57 -12.81 -2.57
CA GLN A 293 -20.02 -12.77 -2.73
C GLN A 293 -20.57 -11.61 -1.92
N ARG A 294 -19.82 -10.52 -1.97
CA ARG A 294 -20.14 -9.24 -1.35
C ARG A 294 -21.62 -8.85 -1.45
N SER A 295 -22.19 -9.01 -2.66
CA SER A 295 -23.55 -8.57 -2.97
C SER A 295 -24.63 -9.24 -2.13
N THR A 296 -24.41 -10.49 -1.73
CA THR A 296 -25.36 -11.23 -0.90
C THR A 296 -24.91 -11.33 0.56
N VAL A 297 -23.61 -11.20 0.82
CA VAL A 297 -23.06 -11.43 2.17
C VAL A 297 -22.83 -10.11 2.96
N ALA A 298 -22.19 -9.13 2.34
CA ALA A 298 -21.85 -7.86 3.02
C ALA A 298 -23.12 -7.04 3.30
N SER A 299 -23.18 -6.45 4.50
CA SER A 299 -24.27 -5.57 4.88
C SER A 299 -24.25 -4.32 4.03
N MET A 300 -25.43 -3.78 3.82
CA MET A 300 -25.66 -2.58 3.05
C MET A 300 -26.09 -1.46 3.97
N MET A 301 -26.10 -1.66 5.28
CA MET A 301 -26.49 -0.57 6.17
C MET A 301 -25.36 0.47 6.22
N HIS A 302 -25.74 1.74 6.07
CA HIS A 302 -24.84 2.86 6.28
C HIS A 302 -24.29 2.81 7.69
N ARG A 303 -22.99 3.08 7.80
CA ARG A 303 -22.29 3.06 9.07
C ARG A 303 -21.77 4.45 9.37
N GLN A 304 -22.66 5.35 9.81
CA GLN A 304 -22.27 6.75 10.06
C GLN A 304 -21.22 6.86 11.17
N GLU A 305 -21.26 5.96 12.15
CA GLU A 305 -20.31 6.01 13.27
C GLU A 305 -18.89 5.73 12.78
N THR A 306 -18.80 4.91 11.74
CA THR A 306 -17.54 4.61 11.06
C THR A 306 -16.98 5.82 10.31
N VAL A 307 -17.85 6.57 9.64
CA VAL A 307 -17.47 7.79 8.93
C VAL A 307 -16.93 8.86 9.89
N GLU A 308 -17.57 9.00 11.04
CA GLU A 308 -17.14 9.93 12.07
C GLU A 308 -15.82 9.54 12.72
N CYS A 309 -15.64 8.26 13.04
CA CYS A 309 -14.37 7.78 13.57
C CYS A 309 -13.24 7.92 12.54
N LEU A 310 -13.55 7.62 11.28
CA LEU A 310 -12.58 7.76 10.20
C LEU A 310 -12.12 9.21 10.05
N ARG A 311 -13.06 10.13 10.08
CA ARG A 311 -12.75 11.55 10.14
C ARG A 311 -11.71 11.86 11.21
N LYS A 312 -11.96 11.38 12.42
CA LYS A 312 -11.03 11.55 13.54
C LYS A 312 -9.70 10.83 13.31
N PHE A 313 -9.76 9.68 12.68
CA PHE A 313 -8.58 8.88 12.36
C PHE A 313 -7.69 9.62 11.37
N ASN A 314 -8.31 10.19 10.33
CA ASN A 314 -7.59 10.95 9.31
C ASN A 314 -7.01 12.24 9.90
N ALA A 315 -7.78 12.89 10.77
CA ALA A 315 -7.37 14.15 11.40
C ALA A 315 -6.18 13.93 12.33
N ARG A 316 -6.25 12.87 13.14
CA ARG A 316 -5.16 12.51 14.02
C ARG A 316 -3.86 12.36 13.23
N ARG A 317 -3.89 11.52 12.20
CA ARG A 317 -2.73 11.29 11.33
C ARG A 317 -2.22 12.58 10.67
N LYS A 318 -3.17 13.41 10.22
CA LYS A 318 -2.84 14.71 9.60
C LYS A 318 -2.21 15.67 10.62
N LEU A 319 -2.75 15.68 11.85
CA LEU A 319 -2.25 16.52 12.94
C LEU A 319 -0.83 16.14 13.41
N LYS A 320 -0.49 14.86 13.31
CA LYS A 320 0.85 14.36 13.64
C LYS A 320 1.87 14.63 12.53
N GLY A 321 1.45 14.47 11.28
CA GLY A 321 2.35 14.70 10.14
C GLY A 321 2.51 16.16 9.76
CBD DRN B . 3.26 9.91 2.61
NBC DRN B . 2.82 10.40 3.77
CBF DRN B . 3.44 8.85 -0.96
CBE DRN B . 2.44 8.91 0.20
CAY DRN B . -0.80 13.39 -4.42
NAH DRN B . 0.30 12.41 -4.73
CAW DRN B . 0.28 11.53 -5.72
CAE DRN B . 1.46 12.34 -4.07
CAF DRN B . 1.96 13.05 -2.97
CAA DRN B . 3.22 12.74 -2.48
CAB DRN B . 4.00 11.73 -3.07
CAC DRN B . 3.48 11.03 -4.16
CAD DRN B . 2.21 11.32 -4.66
CAG DRN B . 1.42 10.82 -5.71
CAI DRN B . 1.78 9.78 -6.60
CAT DRN B . 1.39 9.72 -7.94
OAZ DRN B . 0.73 10.58 -8.54
NAU DRN B . 1.88 8.62 -8.53
CAV DRN B . 2.56 7.92 -7.62
OAX DRN B . 3.12 6.85 -7.84
CAJ DRN B . 2.53 8.61 -6.40
CAK DRN B . 3.13 8.19 -5.21
CAM DRN B . 4.46 7.77 -5.11
CAP DRN B . 5.49 7.58 -6.04
CAQ DRN B . 6.73 7.12 -5.63
CAR DRN B . 6.94 6.84 -4.29
CAS DRN B . 5.92 7.01 -3.37
CAN DRN B . 4.67 7.47 -3.77
NAO DRN B . 3.52 7.74 -3.15
CAL DRN B . 2.59 8.17 -3.99
CA0 DRN B . 3.25 7.55 -1.71
SAT DRN B . 2.53 10.49 1.11
NAB DRN B . 4.24 9.00 2.58
C1 EDO C . -17.04 -18.17 5.84
O1 EDO C . -17.20 -16.83 6.36
C2 EDO C . -15.97 -19.00 6.57
O2 EDO C . -14.60 -18.57 6.37
C1 EDO D . -12.58 -11.95 18.56
O1 EDO D . -13.49 -11.33 19.48
C2 EDO D . -11.32 -11.09 18.42
O2 EDO D . -11.00 -10.47 19.67
#